data_1PBZ
#
_entry.id   1PBZ
#
loop_
_entity.id
_entity.type
_entity.pdbx_description
1 polymer 'De novo designed cyclic peptide'
2 non-polymer 'COPROPORPHYRIN I CONTAINING CO(III)'
#
_entity_poly.entity_id   1
_entity_poly.type   'polypeptide(L)'
_entity_poly.pdbx_seq_one_letter_code
;(ACE)CGAEAAKAHAKAAEAGC(NH2)
;
_entity_poly.pdbx_strand_id   A,B
#
# COMPACT_ATOMS: atom_id res chain seq x y z
N CYS A 2 9.84 9.04 -2.58
CA CYS A 2 9.88 7.76 -3.39
C CYS A 2 8.55 7.34 -4.14
N GLY A 3 7.37 7.96 -3.92
CA GLY A 3 6.10 7.39 -4.44
C GLY A 3 4.86 8.30 -4.39
N ALA A 4 4.76 9.32 -5.26
CA ALA A 4 3.49 10.09 -5.44
C ALA A 4 2.39 9.37 -6.30
N GLU A 5 2.77 8.67 -7.38
CA GLU A 5 1.87 7.70 -8.07
C GLU A 5 1.41 6.52 -7.12
N ALA A 6 2.36 5.94 -6.36
CA ALA A 6 2.05 5.03 -5.21
C ALA A 6 1.09 5.66 -4.17
N ALA A 7 1.31 6.89 -3.67
CA ALA A 7 0.31 7.65 -2.87
C ALA A 7 -1.09 7.87 -3.54
N LYS A 8 -1.17 8.22 -4.85
CA LYS A 8 -2.47 8.21 -5.58
C LYS A 8 -3.19 6.82 -5.60
N ALA A 9 -2.47 5.71 -5.82
CA ALA A 9 -2.97 4.35 -5.57
C ALA A 9 -3.36 4.05 -4.08
N HIS A 10 -2.54 4.44 -3.08
CA HIS A 10 -2.90 4.41 -1.63
C HIS A 10 -4.26 5.16 -1.30
N ALA A 11 -4.44 6.47 -1.59
CA ALA A 11 -5.77 7.13 -1.58
C ALA A 11 -6.91 6.42 -2.41
N LYS A 12 -6.67 6.05 -3.68
CA LYS A 12 -7.68 5.31 -4.50
C LYS A 12 -8.17 3.94 -3.90
N ALA A 13 -7.23 3.15 -3.38
CA ALA A 13 -7.51 1.97 -2.54
C ALA A 13 -8.23 2.38 -1.21
N ALA A 14 -7.60 2.99 -0.21
CA ALA A 14 -8.28 3.62 1.00
C ALA A 14 -9.72 4.27 0.86
N GLU A 15 -10.03 4.79 -0.33
CA GLU A 15 -11.39 5.17 -0.80
C GLU A 15 -12.27 3.90 -1.15
N ALA A 16 -11.99 3.18 -2.26
CA ALA A 16 -12.72 1.92 -2.64
C ALA A 16 -12.07 0.53 -2.22
N GLY A 17 -10.77 0.34 -2.46
CA GLY A 17 -9.96 -0.78 -1.90
C GLY A 17 -9.56 -0.62 -0.40
N CYS A 18 -8.25 -0.68 -0.12
CA CYS A 18 -7.69 -0.27 1.18
C CYS A 18 -6.17 -0.12 0.99
N CYS B 2 13.44 1.84 0.21
CA CYS B 2 12.04 1.96 -0.37
C CYS B 2 11.47 0.69 -1.12
N GLY B 3 12.28 -0.30 -1.55
CA GLY B 3 11.75 -1.61 -2.05
C GLY B 3 11.41 -2.68 -0.98
N ALA B 4 12.28 -2.92 0.01
CA ALA B 4 11.98 -3.83 1.15
C ALA B 4 11.01 -3.29 2.26
N GLU B 5 11.06 -2.00 2.65
CA GLU B 5 9.99 -1.39 3.52
C GLU B 5 8.57 -1.38 2.86
N ALA B 6 8.49 -1.05 1.55
CA ALA B 6 7.27 -1.35 0.74
C ALA B 6 6.88 -2.85 0.75
N ALA B 7 7.83 -3.79 0.51
CA ALA B 7 7.50 -5.22 0.46
C ALA B 7 6.87 -5.78 1.80
N LYS B 8 7.50 -5.45 2.95
CA LYS B 8 6.97 -5.65 4.33
C LYS B 8 5.56 -5.04 4.58
N ALA B 9 5.28 -3.77 4.21
CA ALA B 9 3.90 -3.22 4.16
C ALA B 9 2.88 -3.99 3.24
N HIS B 10 3.34 -4.47 2.07
CA HIS B 10 2.52 -5.19 1.06
C HIS B 10 2.08 -6.60 1.61
N ALA B 11 3.04 -7.40 2.12
CA ALA B 11 2.77 -8.58 2.97
C ALA B 11 1.90 -8.28 4.24
N LYS B 12 2.22 -7.23 5.03
CA LYS B 12 1.36 -6.78 6.18
C LYS B 12 -0.18 -6.64 5.88
N ALA B 13 -0.49 -5.93 4.79
CA ALA B 13 -1.84 -5.90 4.19
C ALA B 13 -2.36 -7.33 3.82
N ALA B 14 -1.85 -8.01 2.77
CA ALA B 14 -2.11 -9.47 2.52
C ALA B 14 -2.02 -10.52 3.70
N GLU B 15 -1.53 -10.12 4.88
CA GLU B 15 -1.57 -10.89 6.16
C GLU B 15 -2.94 -10.67 6.86
N ALA B 16 -3.23 -9.44 7.30
CA ALA B 16 -4.58 -9.04 7.74
C ALA B 16 -5.42 -8.44 6.55
N GLY B 17 -5.53 -9.23 5.46
CA GLY B 17 -5.97 -8.78 4.08
C GLY B 17 -6.55 -7.37 3.86
N CYS B 18 -5.49 -6.58 3.90
CA CYS B 18 -5.42 -5.10 4.00
C CYS B 18 -6.10 -4.47 5.26
N CYS A 2 9.37 7.15 -1.54
CA CYS A 2 9.61 6.31 -2.76
C CYS A 2 8.55 6.41 -3.93
N GLY A 3 7.38 7.08 -3.78
CA GLY A 3 6.30 6.96 -4.77
C GLY A 3 5.07 7.84 -4.47
N ALA A 4 4.96 9.03 -5.09
CA ALA A 4 3.69 9.83 -5.05
C ALA A 4 2.52 9.25 -5.92
N GLU A 5 2.79 8.59 -7.07
CA GLU A 5 1.77 7.75 -7.75
C GLU A 5 1.27 6.55 -6.88
N ALA A 6 2.19 5.84 -6.18
CA ALA A 6 1.82 4.88 -5.10
C ALA A 6 0.95 5.53 -3.98
N ALA A 7 1.27 6.71 -3.41
CA ALA A 7 0.33 7.48 -2.53
C ALA A 7 -1.09 7.84 -3.11
N LYS A 8 -1.16 8.33 -4.37
CA LYS A 8 -2.46 8.50 -5.11
C LYS A 8 -3.29 7.17 -5.24
N ALA A 9 -2.62 6.05 -5.58
CA ALA A 9 -3.16 4.68 -5.46
C ALA A 9 -3.56 4.20 -4.02
N HIS A 10 -2.74 4.51 -2.99
CA HIS A 10 -3.09 4.31 -1.56
C HIS A 10 -4.41 5.05 -1.16
N ALA A 11 -4.57 6.39 -1.32
CA ALA A 11 -5.88 7.07 -1.26
C ALA A 11 -7.05 6.42 -2.09
N LYS A 12 -6.82 6.13 -3.40
CA LYS A 12 -7.78 5.35 -4.24
C LYS A 12 -8.32 4.00 -3.63
N ALA A 13 -7.40 3.11 -3.22
CA ALA A 13 -7.72 1.91 -2.40
C ALA A 13 -8.35 2.29 -1.01
N ALA A 14 -7.62 2.69 0.02
CA ALA A 14 -8.16 3.29 1.29
C ALA A 14 -9.59 3.98 1.36
N GLU A 15 -9.95 4.72 0.30
CA GLU A 15 -11.33 5.25 0.06
C GLU A 15 -12.30 4.17 -0.57
N ALA A 16 -12.14 3.75 -1.86
CA ALA A 16 -12.99 2.67 -2.48
C ALA A 16 -12.61 1.17 -2.16
N GLY A 17 -11.32 0.83 -2.28
CA GLY A 17 -10.71 -0.41 -1.75
C GLY A 17 -10.60 -0.45 -0.20
N CYS A 18 -9.36 -0.63 0.29
CA CYS A 18 -9.05 -0.42 1.73
C CYS A 18 -9.72 -1.36 2.77
N CYS B 2 12.17 2.43 -3.88
CA CYS B 2 13.05 1.66 -2.93
C CYS B 2 12.77 0.11 -2.76
N GLY B 3 11.52 -0.40 -2.76
CA GLY B 3 11.22 -1.86 -2.83
C GLY B 3 10.92 -2.58 -1.49
N ALA B 4 11.73 -2.33 -0.46
CA ALA B 4 11.72 -3.09 0.81
C ALA B 4 10.75 -2.60 1.93
N GLU B 5 10.69 -1.29 2.27
CA GLU B 5 9.59 -0.76 3.15
C GLU B 5 8.16 -0.94 2.52
N ALA B 6 8.06 -0.79 1.17
CA ALA B 6 6.89 -1.28 0.41
C ALA B 6 6.63 -2.80 0.64
N ALA B 7 7.62 -3.69 0.42
CA ALA B 7 7.43 -5.14 0.57
C ALA B 7 6.88 -5.60 1.99
N LYS B 8 7.56 -5.15 3.05
CA LYS B 8 7.13 -5.21 4.49
C LYS B 8 5.66 -4.75 4.76
N ALA B 9 5.28 -3.52 4.35
CA ALA B 9 3.86 -3.09 4.35
C ALA B 9 2.86 -3.99 3.53
N HIS B 10 3.32 -4.51 2.38
CA HIS B 10 2.51 -5.39 1.48
C HIS B 10 2.21 -6.79 2.14
N ALA B 11 3.24 -7.43 2.71
CA ALA B 11 3.10 -8.57 3.64
C ALA B 11 2.23 -8.30 4.91
N LYS B 12 2.36 -7.15 5.60
CA LYS B 12 1.39 -6.75 6.69
C LYS B 12 -0.13 -6.79 6.27
N ALA B 13 -0.43 -6.02 5.21
CA ALA B 13 -1.72 -6.09 4.50
C ALA B 13 -2.22 -7.53 4.16
N ALA B 14 -1.54 -8.23 3.22
CA ALA B 14 -1.70 -9.68 2.93
C ALA B 14 -1.54 -10.71 4.11
N GLU B 15 -1.03 -10.29 5.28
CA GLU B 15 -1.11 -11.09 6.56
C GLU B 15 -2.61 -11.18 6.97
N ALA B 16 -3.32 -10.03 6.99
CA ALA B 16 -4.80 -10.06 6.96
C ALA B 16 -5.14 -10.15 5.39
N GLY B 17 -5.90 -9.21 4.83
CA GLY B 17 -6.02 -8.98 3.34
C GLY B 17 -5.32 -7.67 2.95
N CYS B 18 -5.82 -6.63 3.63
CA CYS B 18 -5.17 -5.34 3.78
C CYS B 18 -5.70 -4.70 5.11
N CYS A 2 7.79 6.18 -5.76
CA CYS A 2 7.80 5.91 -4.28
C CYS A 2 7.14 7.00 -3.35
N GLY A 3 6.87 8.26 -3.77
CA GLY A 3 6.25 9.29 -2.87
C GLY A 3 4.79 9.66 -3.20
N ALA A 4 4.54 10.51 -4.22
CA ALA A 4 3.17 11.01 -4.50
C ALA A 4 2.27 10.13 -5.42
N GLU A 5 2.77 9.49 -6.49
CA GLU A 5 1.99 8.44 -7.20
C GLU A 5 1.73 7.15 -6.32
N ALA A 6 2.71 6.75 -5.48
CA ALA A 6 2.49 5.78 -4.36
C ALA A 6 1.38 6.26 -3.36
N ALA A 7 1.43 7.48 -2.81
CA ALA A 7 0.29 8.07 -2.05
C ALA A 7 -1.09 8.16 -2.80
N LYS A 8 -1.11 8.55 -4.09
CA LYS A 8 -2.32 8.44 -4.97
C LYS A 8 -2.89 6.99 -5.09
N ALA A 9 -2.04 5.97 -5.29
CA ALA A 9 -2.42 4.55 -5.12
C ALA A 9 -2.90 4.15 -3.67
N HIS A 10 -2.21 4.64 -2.60
CA HIS A 10 -2.69 4.51 -1.18
C HIS A 10 -4.10 5.15 -0.88
N ALA A 11 -4.39 6.40 -1.28
CA ALA A 11 -5.78 6.95 -1.31
C ALA A 11 -6.79 6.16 -2.24
N LYS A 12 -6.41 5.87 -3.51
CA LYS A 12 -7.22 4.96 -4.39
C LYS A 12 -7.61 3.59 -3.75
N ALA A 13 -6.66 2.96 -3.06
CA ALA A 13 -6.88 1.81 -2.18
C ALA A 13 -7.92 2.11 -1.05
N ALA A 14 -7.57 2.81 0.02
CA ALA A 14 -8.51 3.37 1.05
C ALA A 14 -9.95 3.91 0.64
N GLU A 15 -10.07 4.31 -0.63
CA GLU A 15 -11.36 4.61 -1.34
C GLU A 15 -12.08 3.30 -1.86
N ALA A 16 -11.55 2.61 -2.91
CA ALA A 16 -12.08 1.28 -3.37
C ALA A 16 -11.30 -0.03 -2.93
N GLY A 17 -9.95 -0.04 -2.96
CA GLY A 17 -9.10 -1.09 -2.33
C GLY A 17 -9.08 -1.08 -0.78
N CYS A 18 -7.87 -1.01 -0.19
CA CYS A 18 -7.72 -0.70 1.25
C CYS A 18 -6.28 -0.21 1.54
N CYS B 2 13.17 1.70 -0.34
CA CYS B 2 11.72 1.70 -0.81
C CYS B 2 11.20 0.39 -1.55
N GLY B 3 12.05 -0.60 -1.91
CA GLY B 3 11.57 -1.93 -2.40
C GLY B 3 11.25 -3.00 -1.32
N ALA B 4 12.15 -3.24 -0.35
CA ALA B 4 11.89 -4.17 0.78
C ALA B 4 10.98 -3.64 1.94
N GLU B 5 11.11 -2.37 2.41
CA GLU B 5 10.09 -1.76 3.32
C GLU B 5 8.65 -1.66 2.70
N ALA B 6 8.54 -1.36 1.38
CA ALA B 6 7.28 -1.59 0.62
C ALA B 6 6.86 -3.09 0.65
N ALA B 7 7.72 -4.06 0.31
CA ALA B 7 7.33 -5.48 0.27
C ALA B 7 6.74 -6.05 1.62
N LYS B 8 7.45 -5.78 2.73
CA LYS B 8 7.01 -5.97 4.14
C LYS B 8 5.64 -5.29 4.50
N ALA B 9 5.44 -3.99 4.20
CA ALA B 9 4.09 -3.36 4.24
C ALA B 9 2.98 -3.98 3.32
N HIS B 10 3.38 -4.48 2.14
CA HIS B 10 2.47 -5.12 1.13
C HIS B 10 1.94 -6.51 1.66
N ALA B 11 2.83 -7.39 2.15
CA ALA B 11 2.49 -8.58 2.97
C ALA B 11 1.64 -8.28 4.27
N LYS B 12 2.09 -7.31 5.12
CA LYS B 12 1.29 -6.88 6.32
C LYS B 12 -0.16 -6.39 6.00
N ALA B 13 -0.33 -5.64 4.90
CA ALA B 13 -1.66 -5.32 4.32
C ALA B 13 -2.44 -6.62 3.92
N ALA B 14 -2.05 -7.37 2.90
CA ALA B 14 -2.58 -8.75 2.61
C ALA B 14 -3.00 -9.71 3.80
N GLU B 15 -2.31 -9.55 4.95
CA GLU B 15 -2.69 -10.08 6.28
C GLU B 15 -3.71 -9.07 6.97
N ALA B 16 -3.23 -8.10 7.80
CA ALA B 16 -4.00 -7.13 8.68
C ALA B 16 -4.93 -6.13 7.87
N GLY B 17 -4.37 -5.64 6.77
CA GLY B 17 -5.08 -4.87 5.70
C GLY B 17 -5.91 -5.73 4.72
N CYS B 18 -5.62 -5.59 3.42
CA CYS B 18 -6.08 -6.55 2.38
C CYS B 18 -5.25 -6.54 1.04
N CYS A 2 7.79 6.18 -5.76
CA CYS A 2 7.80 5.91 -4.28
C CYS A 2 7.14 7.00 -3.35
N GLY A 3 6.87 8.26 -3.77
CA GLY A 3 6.25 9.29 -2.87
C GLY A 3 4.79 9.66 -3.20
N ALA A 4 4.54 10.51 -4.22
CA ALA A 4 3.17 11.01 -4.50
C ALA A 4 2.27 10.13 -5.42
N GLU A 5 2.77 9.49 -6.49
CA GLU A 5 1.99 8.44 -7.20
C GLU A 5 1.73 7.15 -6.32
N ALA A 6 2.71 6.75 -5.48
CA ALA A 6 2.49 5.78 -4.36
C ALA A 6 1.38 6.26 -3.36
N ALA A 7 1.43 7.48 -2.81
CA ALA A 7 0.29 8.07 -2.05
C ALA A 7 -1.09 8.16 -2.80
N LYS A 8 -1.11 8.55 -4.09
CA LYS A 8 -2.32 8.44 -4.97
C LYS A 8 -2.89 6.99 -5.09
N ALA A 9 -2.04 5.97 -5.29
CA ALA A 9 -2.42 4.55 -5.12
C ALA A 9 -2.90 4.15 -3.67
N HIS A 10 -2.21 4.64 -2.60
CA HIS A 10 -2.69 4.51 -1.18
C HIS A 10 -4.10 5.15 -0.88
N ALA A 11 -4.39 6.40 -1.28
CA ALA A 11 -5.78 6.95 -1.31
C ALA A 11 -6.79 6.16 -2.24
N LYS A 12 -6.41 5.87 -3.51
CA LYS A 12 -7.22 4.96 -4.39
C LYS A 12 -7.61 3.59 -3.75
N ALA A 13 -6.66 2.96 -3.06
CA ALA A 13 -6.88 1.81 -2.18
C ALA A 13 -7.92 2.11 -1.05
N ALA A 14 -7.57 2.81 0.02
CA ALA A 14 -8.51 3.37 1.05
C ALA A 14 -9.95 3.91 0.64
N GLU A 15 -10.07 4.31 -0.63
CA GLU A 15 -11.36 4.61 -1.34
C GLU A 15 -12.08 3.30 -1.86
N ALA A 16 -11.55 2.61 -2.91
CA ALA A 16 -12.08 1.28 -3.37
C ALA A 16 -11.30 -0.03 -2.93
N GLY A 17 -9.95 -0.04 -2.96
CA GLY A 17 -9.10 -1.09 -2.33
C GLY A 17 -9.08 -1.08 -0.78
N CYS A 18 -7.87 -1.01 -0.19
CA CYS A 18 -7.72 -0.70 1.25
C CYS A 18 -6.28 -0.21 1.54
N CYS B 2 13.17 1.70 -0.34
CA CYS B 2 11.72 1.70 -0.81
C CYS B 2 11.20 0.39 -1.55
N GLY B 3 12.05 -0.60 -1.91
CA GLY B 3 11.57 -1.93 -2.40
C GLY B 3 11.25 -3.00 -1.32
N ALA B 4 12.15 -3.24 -0.35
CA ALA B 4 11.89 -4.17 0.78
C ALA B 4 10.98 -3.64 1.94
N GLU B 5 11.11 -2.37 2.41
CA GLU B 5 10.09 -1.76 3.32
C GLU B 5 8.65 -1.66 2.70
N ALA B 6 8.54 -1.36 1.38
CA ALA B 6 7.28 -1.59 0.62
C ALA B 6 6.86 -3.09 0.65
N ALA B 7 7.72 -4.06 0.31
CA ALA B 7 7.33 -5.48 0.27
C ALA B 7 6.74 -6.05 1.62
N LYS B 8 7.45 -5.78 2.73
CA LYS B 8 7.01 -5.97 4.14
C LYS B 8 5.64 -5.29 4.50
N ALA B 9 5.44 -3.99 4.20
CA ALA B 9 4.09 -3.36 4.24
C ALA B 9 2.98 -3.98 3.32
N HIS B 10 3.38 -4.48 2.14
CA HIS B 10 2.47 -5.12 1.13
C HIS B 10 1.94 -6.51 1.66
N ALA B 11 2.83 -7.39 2.15
CA ALA B 11 2.49 -8.58 2.97
C ALA B 11 1.64 -8.28 4.27
N LYS B 12 2.09 -7.31 5.12
CA LYS B 12 1.29 -6.88 6.32
C LYS B 12 -0.16 -6.39 6.00
N ALA B 13 -0.33 -5.64 4.90
CA ALA B 13 -1.66 -5.32 4.32
C ALA B 13 -2.44 -6.62 3.92
N ALA B 14 -2.05 -7.37 2.90
CA ALA B 14 -2.58 -8.75 2.61
C ALA B 14 -3.00 -9.71 3.80
N GLU B 15 -2.31 -9.55 4.95
CA GLU B 15 -2.69 -10.08 6.28
C GLU B 15 -3.71 -9.07 6.97
N ALA B 16 -3.23 -8.10 7.80
CA ALA B 16 -4.00 -7.13 8.68
C ALA B 16 -4.93 -6.13 7.87
N GLY B 17 -4.37 -5.64 6.77
CA GLY B 17 -5.08 -4.87 5.70
C GLY B 17 -5.91 -5.73 4.72
N CYS B 18 -5.62 -5.59 3.42
CA CYS B 18 -6.08 -6.55 2.38
C CYS B 18 -5.25 -6.54 1.04
N CYS A 2 8.73 7.45 -0.89
CA CYS A 2 9.36 6.82 -2.11
C CYS A 2 8.59 6.97 -3.48
N GLY A 3 7.40 7.59 -3.59
CA GLY A 3 6.57 7.49 -4.80
C GLY A 3 5.26 8.31 -4.63
N ALA A 4 5.15 9.50 -5.24
CA ALA A 4 3.84 10.22 -5.31
C ALA A 4 2.73 9.54 -6.17
N GLU A 5 3.10 8.83 -7.24
CA GLU A 5 2.15 7.89 -7.93
C GLU A 5 1.66 6.71 -7.01
N ALA A 6 2.58 6.07 -6.26
CA ALA A 6 2.23 5.15 -5.13
C ALA A 6 1.31 5.82 -4.06
N ALA A 7 1.60 7.04 -3.55
CA ALA A 7 0.65 7.83 -2.72
C ALA A 7 -0.76 8.13 -3.33
N LYS A 8 -0.85 8.49 -4.65
CA LYS A 8 -2.15 8.57 -5.39
C LYS A 8 -2.96 7.22 -5.37
N ALA A 9 -2.31 6.08 -5.65
CA ALA A 9 -2.87 4.73 -5.38
C ALA A 9 -3.22 4.44 -3.87
N HIS A 10 -2.35 4.83 -2.90
CA HIS A 10 -2.66 4.82 -1.44
C HIS A 10 -3.96 5.61 -1.03
N ALA A 11 -4.18 6.87 -1.45
CA ALA A 11 -5.49 7.56 -1.36
C ALA A 11 -6.70 6.80 -2.04
N LYS A 12 -6.58 6.42 -3.33
CA LYS A 12 -7.62 5.57 -4.02
C LYS A 12 -7.98 4.21 -3.29
N ALA A 13 -6.96 3.57 -2.74
CA ALA A 13 -7.11 2.41 -1.83
C ALA A 13 -7.78 2.80 -0.47
N ALA A 14 -7.17 3.56 0.44
CA ALA A 14 -7.86 4.17 1.64
C ALA A 14 -9.37 4.65 1.51
N GLU A 15 -9.73 5.06 0.30
CA GLU A 15 -11.12 5.26 -0.20
C GLU A 15 -11.86 3.87 -0.46
N ALA A 16 -11.56 3.14 -1.55
CA ALA A 16 -12.16 1.80 -1.87
C ALA A 16 -11.35 0.51 -1.43
N GLY A 17 -10.02 0.47 -1.69
CA GLY A 17 -9.08 -0.54 -1.11
C GLY A 17 -8.70 -0.34 0.38
N CYS A 18 -7.40 -0.16 0.68
CA CYS A 18 -6.94 0.30 2.01
C CYS A 18 -5.48 0.86 2.03
N CYS B 2 10.88 2.39 -3.44
CA CYS B 2 12.23 1.95 -2.93
C CYS B 2 12.42 0.40 -2.75
N GLY B 3 11.46 -0.40 -2.24
CA GLY B 3 11.53 -1.88 -2.30
C GLY B 3 11.10 -2.64 -1.03
N ALA B 4 11.83 -2.49 0.08
CA ALA B 4 11.58 -3.29 1.32
C ALA B 4 10.48 -2.75 2.29
N GLU B 5 10.38 -1.43 2.55
CA GLU B 5 9.20 -0.83 3.24
C GLU B 5 7.85 -1.11 2.49
N ALA B 6 7.86 -0.90 1.15
CA ALA B 6 6.80 -1.42 0.25
C ALA B 6 6.52 -2.94 0.45
N ALA B 7 7.54 -3.82 0.36
CA ALA B 7 7.32 -5.26 0.46
C ALA B 7 6.67 -5.75 1.81
N LYS B 8 7.25 -5.30 2.94
CA LYS B 8 6.69 -5.45 4.31
C LYS B 8 5.23 -4.91 4.52
N ALA B 9 4.90 -3.71 4.05
CA ALA B 9 3.50 -3.22 3.97
C ALA B 9 2.52 -4.04 3.05
N HIS B 10 3.03 -4.52 1.89
CA HIS B 10 2.24 -5.32 0.90
C HIS B 10 1.89 -6.74 1.49
N ALA B 11 2.91 -7.43 2.07
CA ALA B 11 2.72 -8.60 2.95
C ALA B 11 1.79 -8.29 4.18
N LYS B 12 2.03 -7.22 4.99
CA LYS B 12 1.07 -6.74 6.06
C LYS B 12 -0.46 -6.82 5.69
N ALA B 13 -0.83 -6.21 4.55
CA ALA B 13 -2.15 -6.39 3.92
C ALA B 13 -2.49 -7.91 3.70
N ALA B 14 -1.91 -8.59 2.70
CA ALA B 14 -1.97 -10.09 2.57
C ALA B 14 -1.64 -11.04 3.79
N GLU B 15 -1.31 -10.49 4.97
CA GLU B 15 -0.99 -11.23 6.24
C GLU B 15 -2.29 -11.25 7.09
N ALA B 16 -2.78 -10.08 7.50
CA ALA B 16 -4.14 -9.94 8.06
C ALA B 16 -5.13 -9.39 6.98
N GLY B 17 -5.24 -10.08 5.82
CA GLY B 17 -5.86 -9.57 4.53
C GLY B 17 -6.64 -8.23 4.55
N CYS B 18 -5.69 -7.30 4.58
CA CYS B 18 -5.78 -5.85 4.89
C CYS B 18 -6.84 -5.38 5.97
N CYS A 2 7.62 6.76 -5.62
CA CYS A 2 7.73 6.45 -4.15
C CYS A 2 7.01 7.44 -3.16
N GLY A 3 6.56 8.66 -3.53
CA GLY A 3 5.93 9.62 -2.58
C GLY A 3 4.49 10.04 -2.94
N ALA A 4 4.28 10.97 -3.89
CA ALA A 4 2.91 11.43 -4.28
C ALA A 4 2.11 10.50 -5.26
N GLU A 5 2.76 9.88 -6.26
CA GLU A 5 2.16 8.78 -7.05
C GLU A 5 1.81 7.51 -6.17
N ALA A 6 2.73 7.10 -5.29
CA ALA A 6 2.45 6.14 -4.20
C ALA A 6 1.25 6.58 -3.30
N ALA A 7 1.21 7.82 -2.76
CA ALA A 7 -0.01 8.35 -2.09
C ALA A 7 -1.35 8.35 -2.93
N LYS A 8 -1.34 8.72 -4.24
CA LYS A 8 -2.51 8.51 -5.14
C LYS A 8 -3.00 7.03 -5.25
N ALA A 9 -2.08 6.08 -5.48
CA ALA A 9 -2.34 4.63 -5.33
C ALA A 9 -2.79 4.16 -3.88
N HIS A 10 -2.21 4.74 -2.81
CA HIS A 10 -2.68 4.55 -1.39
C HIS A 10 -4.15 5.02 -1.16
N ALA A 11 -4.57 6.28 -1.48
CA ALA A 11 -6.00 6.65 -1.58
C ALA A 11 -6.92 5.71 -2.45
N LYS A 12 -6.48 5.40 -3.70
CA LYS A 12 -7.21 4.42 -4.58
C LYS A 12 -7.41 3.00 -3.96
N ALA A 13 -6.33 2.40 -3.42
CA ALA A 13 -6.40 1.18 -2.58
C ALA A 13 -7.34 1.39 -1.34
N ALA A 14 -6.99 2.10 -0.27
CA ALA A 14 -7.92 2.51 0.84
C ALA A 14 -9.48 2.65 0.57
N GLU A 15 -9.84 3.22 -0.59
CA GLU A 15 -11.22 3.19 -1.17
C GLU A 15 -11.68 1.73 -1.64
N ALA A 16 -11.06 1.14 -2.69
CA ALA A 16 -11.32 -0.29 -3.10
C ALA A 16 -10.40 -1.37 -2.43
N GLY A 17 -9.07 -1.34 -2.68
CA GLY A 17 -8.04 -2.10 -1.90
C GLY A 17 -7.80 -1.74 -0.42
N CYS A 18 -8.85 -1.80 0.41
CA CYS A 18 -8.87 -1.24 1.79
C CYS A 18 -7.65 -1.48 2.72
N CYS B 2 12.76 2.03 -0.96
CA CYS B 2 11.41 2.07 -1.64
C CYS B 2 10.80 0.67 -2.07
N GLY B 3 11.56 -0.44 -2.23
CA GLY B 3 11.00 -1.73 -2.74
C GLY B 3 10.77 -2.87 -1.72
N ALA B 4 11.78 -3.28 -0.94
CA ALA B 4 11.63 -4.39 0.06
C ALA B 4 10.90 -4.04 1.40
N GLU B 5 11.19 -2.91 2.06
CA GLU B 5 10.32 -2.40 3.18
C GLU B 5 8.84 -2.10 2.74
N ALA B 6 8.63 -1.57 1.51
CA ALA B 6 7.28 -1.57 0.87
C ALA B 6 6.72 -3.01 0.72
N ALA B 7 7.47 -3.99 0.17
CA ALA B 7 6.96 -5.35 -0.05
C ALA B 7 6.42 -6.08 1.26
N LYS B 8 7.24 -6.01 2.34
CA LYS B 8 6.88 -6.39 3.74
C LYS B 8 5.61 -5.64 4.30
N ALA B 9 5.52 -4.29 4.19
CA ALA B 9 4.24 -3.57 4.42
C ALA B 9 3.02 -4.03 3.56
N HIS B 10 3.26 -4.38 2.29
CA HIS B 10 2.22 -4.82 1.32
C HIS B 10 1.58 -6.19 1.76
N ALA B 11 2.40 -7.22 2.06
CA ALA B 11 2.00 -8.44 2.79
C ALA B 11 1.27 -8.21 4.17
N LYS B 12 1.89 -7.42 5.08
CA LYS B 12 1.26 -7.11 6.41
C LYS B 12 -0.15 -6.42 6.32
N ALA B 13 -0.28 -5.43 5.45
CA ALA B 13 -1.59 -4.86 5.07
C ALA B 13 -2.56 -5.88 4.41
N ALA B 14 -2.31 -6.47 3.25
CA ALA B 14 -3.07 -7.66 2.71
C ALA B 14 -3.65 -8.72 3.75
N GLU B 15 -2.90 -8.94 4.84
CA GLU B 15 -3.36 -9.62 6.09
C GLU B 15 -4.40 -8.72 6.90
N ALA B 16 -3.98 -7.62 7.57
CA ALA B 16 -4.92 -6.69 8.30
C ALA B 16 -5.44 -5.44 7.48
N GLY B 17 -4.54 -4.59 6.95
CA GLY B 17 -4.86 -3.53 5.93
C GLY B 17 -5.27 -3.97 4.50
N CYS B 18 -6.31 -4.81 4.42
CA CYS B 18 -6.69 -5.57 3.20
C CYS B 18 -6.54 -4.99 1.75
N CYS A 2 8.86 7.56 -5.38
CA CYS A 2 8.22 6.51 -4.51
C CYS A 2 7.23 7.03 -3.39
N GLY A 3 6.94 8.36 -3.27
CA GLY A 3 6.08 8.90 -2.17
C GLY A 3 4.70 9.45 -2.57
N ALA A 4 4.62 10.42 -3.51
CA ALA A 4 3.32 11.01 -3.95
C ALA A 4 2.47 10.16 -4.96
N GLU A 5 3.09 9.54 -5.98
CA GLU A 5 2.41 8.50 -6.81
C GLU A 5 1.95 7.24 -5.96
N ALA A 6 2.82 6.77 -5.04
CA ALA A 6 2.46 5.81 -3.97
C ALA A 6 1.29 6.31 -3.06
N ALA A 7 1.29 7.55 -2.55
CA ALA A 7 0.11 8.17 -1.87
C ALA A 7 -1.21 8.25 -2.71
N LYS A 8 -1.17 8.62 -4.02
CA LYS A 8 -2.34 8.48 -4.95
C LYS A 8 -2.93 7.02 -5.01
N ALA A 9 -2.07 6.01 -5.17
CA ALA A 9 -2.43 4.59 -4.96
C ALA A 9 -2.99 4.25 -3.53
N HIS A 10 -2.32 4.70 -2.45
CA HIS A 10 -2.85 4.62 -1.05
C HIS A 10 -4.30 5.22 -0.86
N ALA A 11 -4.61 6.47 -1.24
CA ALA A 11 -6.00 6.97 -1.38
C ALA A 11 -6.96 6.09 -2.27
N LYS A 12 -6.52 5.72 -3.50
CA LYS A 12 -7.31 4.80 -4.38
C LYS A 12 -7.73 3.43 -3.75
N ALA A 13 -6.80 2.74 -3.08
CA ALA A 13 -7.11 1.59 -2.23
C ALA A 13 -7.98 1.97 -0.99
N ALA A 14 -7.53 2.73 0.00
CA ALA A 14 -8.37 3.32 1.10
C ALA A 14 -9.89 3.72 0.83
N GLU A 15 -10.14 4.13 -0.42
CA GLU A 15 -11.49 4.29 -1.03
C GLU A 15 -12.11 2.91 -1.51
N ALA A 16 -11.58 2.27 -2.59
CA ALA A 16 -12.06 0.92 -3.08
C ALA A 16 -11.33 -0.37 -2.52
N GLY A 17 -9.99 -0.39 -2.52
CA GLY A 17 -9.15 -1.39 -1.79
C GLY A 17 -9.12 -1.20 -0.24
N CYS A 18 -7.91 -0.99 0.31
CA CYS A 18 -7.74 -0.51 1.70
C CYS A 18 -6.34 0.08 1.94
N CYS B 2 8.80 0.58 -3.54
CA CYS B 2 10.11 0.53 -4.31
C CYS B 2 11.11 -0.62 -3.92
N GLY B 3 11.02 -1.34 -2.77
CA GLY B 3 11.82 -2.56 -2.56
C GLY B 3 11.46 -3.31 -1.26
N ALA B 4 12.19 -3.09 -0.16
CA ALA B 4 12.08 -3.92 1.08
C ALA B 4 11.11 -3.43 2.19
N GLU B 5 11.11 -2.15 2.63
CA GLU B 5 10.00 -1.61 3.49
C GLU B 5 8.61 -1.77 2.79
N ALA B 6 8.52 -1.41 1.50
CA ALA B 6 7.36 -1.78 0.64
C ALA B 6 7.03 -3.29 0.69
N ALA B 7 7.97 -4.22 0.44
CA ALA B 7 7.65 -5.65 0.46
C ALA B 7 7.02 -6.20 1.81
N LYS B 8 7.71 -5.91 2.93
CA LYS B 8 7.23 -6.09 4.32
C LYS B 8 5.85 -5.43 4.67
N ALA B 9 5.65 -4.13 4.38
CA ALA B 9 4.32 -3.48 4.42
C ALA B 9 3.22 -4.10 3.50
N HIS B 10 3.59 -4.49 2.26
CA HIS B 10 2.64 -5.05 1.26
C HIS B 10 2.16 -6.50 1.68
N ALA B 11 3.07 -7.36 2.18
CA ALA B 11 2.74 -8.61 2.93
C ALA B 11 1.91 -8.41 4.25
N LYS B 12 2.36 -7.49 5.16
CA LYS B 12 1.54 -7.09 6.37
C LYS B 12 0.09 -6.64 6.02
N ALA B 13 -0.06 -5.76 5.02
CA ALA B 13 -1.35 -5.45 4.38
C ALA B 13 -2.15 -6.73 3.96
N ALA B 14 -1.77 -7.45 2.92
CA ALA B 14 -2.30 -8.82 2.58
C ALA B 14 -2.64 -9.87 3.74
N GLU B 15 -1.96 -9.73 4.89
CA GLU B 15 -2.30 -10.39 6.19
C GLU B 15 -3.48 -9.65 6.94
N ALA B 16 -3.24 -8.51 7.61
CA ALA B 16 -4.30 -7.73 8.35
C ALA B 16 -4.97 -6.52 7.58
N GLY B 17 -4.22 -5.84 6.71
CA GLY B 17 -4.77 -4.88 5.70
C GLY B 17 -5.48 -5.60 4.53
N CYS B 18 -4.99 -5.39 3.30
CA CYS B 18 -5.34 -6.23 2.14
C CYS B 18 -4.37 -6.17 0.91
N CYS A 2 9.38 8.54 -2.11
CA CYS A 2 9.23 7.14 -2.65
C CYS A 2 8.21 6.92 -3.83
N GLY A 3 7.35 7.89 -4.24
CA GLY A 3 6.26 7.58 -5.20
C GLY A 3 5.00 8.43 -4.98
N ALA A 4 4.80 9.54 -5.70
CA ALA A 4 3.48 10.25 -5.70
C ALA A 4 2.34 9.50 -6.46
N GLU A 5 2.63 8.77 -7.54
CA GLU A 5 1.68 7.77 -8.12
C GLU A 5 1.35 6.58 -7.12
N ALA A 6 2.38 6.06 -6.40
CA ALA A 6 2.15 5.16 -5.22
C ALA A 6 1.25 5.80 -4.12
N ALA A 7 1.50 7.04 -3.64
CA ALA A 7 0.56 7.79 -2.76
C ALA A 7 -0.88 8.03 -3.33
N LYS A 8 -1.03 8.38 -4.64
CA LYS A 8 -2.34 8.43 -5.35
C LYS A 8 -3.08 7.03 -5.34
N ALA A 9 -2.39 5.91 -5.63
CA ALA A 9 -2.91 4.55 -5.36
C ALA A 9 -3.23 4.24 -3.85
N HIS A 10 -2.36 4.65 -2.90
CA HIS A 10 -2.66 4.60 -1.43
C HIS A 10 -4.00 5.33 -1.00
N ALA A 11 -4.23 6.62 -1.34
CA ALA A 11 -5.56 7.27 -1.26
C ALA A 11 -6.74 6.55 -2.00
N LYS A 12 -6.53 6.16 -3.29
CA LYS A 12 -7.55 5.37 -4.08
C LYS A 12 -7.99 4.03 -3.40
N ALA A 13 -7.03 3.25 -2.89
CA ALA A 13 -7.28 2.08 -2.01
C ALA A 13 -8.09 2.48 -0.74
N ALA A 14 -7.53 3.22 0.21
CA ALA A 14 -8.29 3.88 1.34
C ALA A 14 -9.76 4.43 1.09
N GLU A 15 -10.04 4.85 -0.14
CA GLU A 15 -11.40 5.12 -0.69
C GLU A 15 -12.21 3.79 -1.03
N ALA A 16 -11.90 3.04 -2.10
CA ALA A 16 -12.57 1.73 -2.42
C ALA A 16 -11.85 0.39 -1.99
N GLY A 17 -10.51 0.33 -2.16
CA GLY A 17 -9.64 -0.74 -1.56
C GLY A 17 -9.58 -0.71 -0.01
N CYS A 18 -8.39 -0.43 0.52
CA CYS A 18 -8.18 -0.05 1.93
C CYS A 18 -8.78 -0.92 3.06
N CYS B 2 12.98 2.65 -0.65
CA CYS B 2 11.56 2.46 -1.13
C CYS B 2 11.13 1.02 -1.62
N GLY B 3 12.04 0.01 -1.76
CA GLY B 3 11.66 -1.37 -2.20
C GLY B 3 11.35 -2.42 -1.12
N ALA B 4 12.18 -2.56 -0.06
CA ALA B 4 11.92 -3.50 1.05
C ALA B 4 10.86 -3.06 2.11
N GLU B 5 10.81 -1.80 2.60
CA GLU B 5 9.65 -1.30 3.39
C GLU B 5 8.29 -1.27 2.60
N ALA B 6 8.32 -1.01 1.28
CA ALA B 6 7.16 -1.33 0.40
C ALA B 6 6.84 -2.86 0.43
N ALA B 7 7.80 -3.76 0.19
CA ALA B 7 7.54 -5.20 0.16
C ALA B 7 6.92 -5.79 1.49
N LYS B 8 7.57 -5.46 2.64
CA LYS B 8 7.07 -5.65 4.03
C LYS B 8 5.66 -5.05 4.32
N ALA B 9 5.37 -3.79 3.94
CA ALA B 9 3.97 -3.25 3.92
C ALA B 9 2.96 -4.07 3.04
N HIS B 10 3.39 -4.53 1.85
CA HIS B 10 2.53 -5.29 0.90
C HIS B 10 2.12 -6.70 1.48
N ALA B 11 3.07 -7.41 2.11
CA ALA B 11 2.79 -8.57 3.00
C ALA B 11 1.91 -8.22 4.26
N LYS B 12 2.18 -7.11 4.99
CA LYS B 12 1.23 -6.60 6.06
C LYS B 12 -0.27 -6.50 5.63
N ALA B 13 -0.51 -5.85 4.49
CA ALA B 13 -1.79 -5.88 3.77
C ALA B 13 -2.35 -7.33 3.57
N ALA B 14 -1.80 -8.10 2.62
CA ALA B 14 -2.05 -9.56 2.50
C ALA B 14 -1.95 -10.50 3.76
N GLU B 15 -1.51 -10.03 4.94
CA GLU B 15 -1.51 -10.84 6.21
C GLU B 15 -2.87 -10.62 6.93
N ALA B 16 -3.15 -9.39 7.37
CA ALA B 16 -4.50 -9.02 7.86
C ALA B 16 -5.31 -8.22 6.78
N GLY B 17 -5.55 -8.81 5.60
CA GLY B 17 -5.99 -8.09 4.32
C GLY B 17 -6.43 -6.61 4.41
N CYS B 18 -5.27 -5.94 4.52
CA CYS B 18 -5.03 -4.52 4.92
C CYS B 18 -6.00 -3.81 5.95
N CYS A 2 9.46 8.60 -2.01
CA CYS A 2 9.35 7.18 -2.53
C CYS A 2 8.32 6.92 -3.68
N GLY A 3 7.42 7.84 -4.12
CA GLY A 3 6.33 7.48 -5.06
C GLY A 3 5.07 8.35 -4.95
N ALA A 4 4.93 9.41 -5.77
CA ALA A 4 3.62 10.12 -5.89
C ALA A 4 2.50 9.35 -6.64
N GLU A 5 2.83 8.54 -7.67
CA GLU A 5 1.88 7.54 -8.24
C GLU A 5 1.47 6.42 -7.20
N ALA A 6 2.44 5.90 -6.41
CA ALA A 6 2.18 5.07 -5.21
C ALA A 6 1.23 5.78 -4.17
N ALA A 7 1.46 7.06 -3.80
CA ALA A 7 0.49 7.87 -3.02
C ALA A 7 -0.92 8.07 -3.68
N LYS A 8 -1.01 8.31 -5.02
CA LYS A 8 -2.30 8.28 -5.79
C LYS A 8 -3.06 6.90 -5.69
N ALA A 9 -2.34 5.77 -5.80
CA ALA A 9 -2.84 4.42 -5.44
C ALA A 9 -3.22 4.24 -3.92
N HIS A 10 -2.39 4.75 -2.97
CA HIS A 10 -2.74 4.84 -1.52
C HIS A 10 -4.09 5.60 -1.25
N ALA A 11 -4.31 6.86 -1.70
CA ALA A 11 -5.67 7.48 -1.73
C ALA A 11 -6.81 6.64 -2.42
N LYS A 12 -6.58 6.17 -3.66
CA LYS A 12 -7.57 5.25 -4.37
C LYS A 12 -8.02 3.99 -3.55
N ALA A 13 -7.05 3.26 -3.01
CA ALA A 13 -7.27 2.20 -2.03
C ALA A 13 -7.88 2.74 -0.69
N ALA A 14 -7.21 3.45 0.22
CA ALA A 14 -7.82 4.18 1.40
C ALA A 14 -9.30 4.73 1.35
N GLU A 15 -9.71 5.16 0.15
CA GLU A 15 -11.13 5.45 -0.19
C GLU A 15 -11.99 4.13 -0.41
N ALA A 16 -11.71 3.28 -1.44
CA ALA A 16 -12.37 1.93 -1.61
C ALA A 16 -11.67 0.68 -0.93
N GLY A 17 -10.40 0.40 -1.26
CA GLY A 17 -9.52 -0.56 -0.55
C GLY A 17 -8.90 -0.09 0.80
N CYS A 18 -7.56 -0.12 0.87
CA CYS A 18 -6.81 0.53 1.97
C CYS A 18 -5.42 0.96 1.46
N CYS B 2 13.18 2.60 -0.62
CA CYS B 2 11.73 2.36 -0.94
C CYS B 2 11.32 0.87 -1.29
N GLY B 3 12.24 -0.12 -1.45
CA GLY B 3 11.89 -1.48 -1.97
C GLY B 3 11.49 -2.58 -0.94
N ALA B 4 12.32 -2.87 0.07
CA ALA B 4 11.89 -3.76 1.20
C ALA B 4 10.82 -3.19 2.19
N GLU B 5 10.81 -1.87 2.47
CA GLU B 5 9.69 -1.17 3.16
C GLU B 5 8.32 -1.34 2.43
N ALA B 6 8.28 -1.04 1.11
CA ALA B 6 7.13 -1.45 0.25
C ALA B 6 6.80 -2.96 0.36
N ALA B 7 7.78 -3.87 0.23
CA ALA B 7 7.49 -5.31 0.29
C ALA B 7 6.85 -5.79 1.64
N LYS B 8 7.45 -5.39 2.79
CA LYS B 8 6.88 -5.54 4.16
C LYS B 8 5.44 -4.95 4.29
N ALA B 9 5.19 -3.66 4.03
CA ALA B 9 3.82 -3.11 3.91
C ALA B 9 2.77 -3.88 3.02
N HIS B 10 3.24 -4.38 1.86
CA HIS B 10 2.39 -5.12 0.88
C HIS B 10 2.00 -6.53 1.43
N ALA B 11 2.98 -7.27 1.99
CA ALA B 11 2.73 -8.43 2.86
C ALA B 11 1.82 -8.06 4.08
N LYS B 12 2.15 -7.08 4.96
CA LYS B 12 1.21 -6.55 6.04
C LYS B 12 -0.32 -6.56 5.71
N ALA B 13 -0.66 -5.90 4.60
CA ALA B 13 -1.99 -6.01 3.97
C ALA B 13 -2.39 -7.52 3.67
N ALA B 14 -1.89 -8.16 2.60
CA ALA B 14 -2.01 -9.64 2.37
C ALA B 14 -1.68 -10.70 3.50
N GLU B 15 -1.26 -10.24 4.68
CA GLU B 15 -0.83 -11.09 5.86
C GLU B 15 -2.05 -11.12 6.83
N ALA B 16 -2.47 -9.95 7.34
CA ALA B 16 -3.79 -9.80 7.99
C ALA B 16 -4.83 -9.16 6.99
N GLY B 17 -5.03 -9.79 5.81
CA GLY B 17 -5.71 -9.22 4.58
C GLY B 17 -6.47 -7.88 4.71
N CYS B 18 -5.52 -6.94 4.68
CA CYS B 18 -5.60 -5.51 5.05
C CYS B 18 -6.63 -5.02 6.13
N CYS A 2 10.49 9.13 -3.47
CA CYS A 2 10.27 7.73 -3.97
C CYS A 2 8.78 7.27 -4.23
N GLY A 3 7.72 7.98 -3.80
CA GLY A 3 6.34 7.43 -3.85
C GLY A 3 5.14 8.39 -3.93
N ALA A 4 5.01 9.22 -4.98
CA ALA A 4 3.78 10.01 -5.26
C ALA A 4 2.69 9.25 -6.09
N GLU A 5 3.05 8.52 -7.15
CA GLU A 5 2.13 7.51 -7.80
C GLU A 5 1.72 6.34 -6.81
N ALA A 6 2.68 5.88 -5.97
CA ALA A 6 2.39 5.04 -4.79
C ALA A 6 1.41 5.71 -3.77
N ALA A 7 1.60 6.98 -3.35
CA ALA A 7 0.57 7.75 -2.58
C ALA A 7 -0.84 7.90 -3.25
N LYS A 8 -0.91 8.17 -4.59
CA LYS A 8 -2.20 8.09 -5.37
C LYS A 8 -2.92 6.68 -5.26
N ALA A 9 -2.18 5.57 -5.42
CA ALA A 9 -2.65 4.21 -5.07
C ALA A 9 -3.02 4.00 -3.55
N HIS A 10 -2.21 4.52 -2.60
CA HIS A 10 -2.56 4.59 -1.14
C HIS A 10 -3.92 5.32 -0.81
N ALA A 11 -4.22 6.52 -1.35
CA ALA A 11 -5.59 7.09 -1.36
C ALA A 11 -6.69 6.18 -2.04
N LYS A 12 -6.45 5.67 -3.27
CA LYS A 12 -7.36 4.65 -3.90
C LYS A 12 -7.75 3.43 -3.00
N ALA A 13 -6.76 2.81 -2.35
CA ALA A 13 -6.96 1.81 -1.29
C ALA A 13 -7.83 2.36 -0.10
N ALA A 14 -7.31 3.24 0.77
CA ALA A 14 -8.10 4.01 1.77
C ALA A 14 -9.47 4.66 1.35
N GLU A 15 -9.77 4.74 0.05
CA GLU A 15 -11.13 5.13 -0.45
C GLU A 15 -12.08 3.88 -0.48
N ALA A 16 -11.74 2.84 -1.26
CA ALA A 16 -12.42 1.52 -1.15
C ALA A 16 -11.64 0.56 -0.17
N GLY A 17 -11.46 1.03 1.07
CA GLY A 17 -10.47 0.50 2.10
C GLY A 17 -9.74 -0.83 1.84
N CYS A 18 -8.77 -0.50 0.99
CA CYS A 18 -7.89 -1.38 0.16
C CYS A 18 -8.64 -2.46 -0.64
N CYS B 2 12.86 2.61 0.52
CA CYS B 2 11.40 2.40 0.23
C CYS B 2 10.99 1.07 -0.50
N GLY B 3 11.89 0.32 -1.17
CA GLY B 3 11.57 -1.02 -1.76
C GLY B 3 11.28 -2.21 -0.79
N ALA B 4 12.03 -2.35 0.32
CA ALA B 4 11.67 -3.32 1.39
C ALA B 4 10.46 -2.89 2.30
N GLU B 5 10.28 -1.61 2.69
CA GLU B 5 8.98 -1.15 3.32
C GLU B 5 7.77 -1.39 2.39
N ALA B 6 7.87 -1.09 1.08
CA ALA B 6 6.89 -1.59 0.08
C ALA B 6 6.67 -3.12 0.22
N ALA B 7 7.71 -3.96 0.09
CA ALA B 7 7.52 -5.43 0.08
C ALA B 7 6.83 -6.05 1.37
N LYS B 8 7.42 -5.74 2.55
CA LYS B 8 6.85 -5.98 3.91
C LYS B 8 5.39 -5.45 4.11
N ALA B 9 5.11 -4.16 3.93
CA ALA B 9 3.73 -3.64 3.86
C ALA B 9 2.75 -4.32 2.85
N HIS B 10 3.26 -4.79 1.69
CA HIS B 10 2.41 -5.42 0.64
C HIS B 10 1.95 -6.84 1.12
N ALA B 11 2.88 -7.70 1.56
CA ALA B 11 2.56 -8.93 2.35
C ALA B 11 1.66 -8.70 3.62
N LYS B 12 2.04 -7.75 4.50
CA LYS B 12 1.26 -7.39 5.73
C LYS B 12 -0.20 -6.90 5.51
N ALA B 13 -0.41 -6.02 4.52
CA ALA B 13 -1.76 -5.66 4.02
C ALA B 13 -2.48 -6.92 3.41
N ALA B 14 -2.08 -7.48 2.28
CA ALA B 14 -2.55 -8.82 1.78
C ALA B 14 -2.94 -9.98 2.80
N GLU B 15 -2.23 -10.00 3.94
CA GLU B 15 -2.57 -10.78 5.16
C GLU B 15 -3.75 -10.13 6.00
N ALA B 16 -3.50 -9.05 6.78
CA ALA B 16 -4.55 -8.34 7.60
C ALA B 16 -5.36 -7.19 6.88
N GLY B 17 -4.65 -6.33 6.13
CA GLY B 17 -5.25 -5.36 5.17
C GLY B 17 -5.80 -6.01 3.86
N CYS B 18 -5.37 -5.43 2.72
CA CYS B 18 -5.51 -6.03 1.38
C CYS B 18 -4.69 -5.22 0.31
N CYS A 2 7.80 6.09 -6.11
CA CYS A 2 8.70 7.08 -5.42
C CYS A 2 8.06 8.02 -4.31
N GLY A 3 6.73 7.98 -4.06
CA GLY A 3 6.07 8.81 -3.01
C GLY A 3 4.64 9.26 -3.36
N ALA A 4 4.45 10.03 -4.45
CA ALA A 4 3.13 10.59 -4.84
C ALA A 4 2.21 9.68 -5.72
N GLU A 5 2.72 8.99 -6.75
CA GLU A 5 1.97 7.88 -7.43
C GLU A 5 1.59 6.71 -6.44
N ALA A 6 2.55 6.30 -5.60
CA ALA A 6 2.30 5.43 -4.41
C ALA A 6 1.21 5.98 -3.44
N ALA A 7 1.25 7.27 -3.01
CA ALA A 7 0.11 7.91 -2.30
C ALA A 7 -1.25 7.94 -3.07
N LYS A 8 -1.29 8.24 -4.39
CA LYS A 8 -2.52 8.05 -5.22
C LYS A 8 -3.01 6.55 -5.29
N ALA A 9 -2.13 5.54 -5.26
CA ALA A 9 -2.47 4.12 -5.03
C ALA A 9 -3.02 3.80 -3.58
N HIS A 10 -2.35 4.33 -2.51
CA HIS A 10 -2.87 4.32 -1.10
C HIS A 10 -4.31 4.97 -0.97
N ALA A 11 -4.51 6.23 -1.40
CA ALA A 11 -5.87 6.79 -1.63
C ALA A 11 -6.77 5.90 -2.54
N LYS A 12 -6.37 5.49 -3.76
CA LYS A 12 -7.14 4.48 -4.61
C LYS A 12 -7.78 3.27 -3.84
N ALA A 13 -7.00 2.65 -2.95
CA ALA A 13 -7.52 1.69 -1.96
C ALA A 13 -8.54 2.34 -0.96
N ALA A 14 -8.13 3.12 0.03
CA ALA A 14 -9.05 3.98 0.88
C ALA A 14 -10.28 4.81 0.27
N GLU A 15 -10.30 4.91 -1.07
CA GLU A 15 -11.32 5.51 -1.97
C GLU A 15 -12.24 4.40 -2.59
N ALA A 16 -11.74 3.53 -3.50
CA ALA A 16 -12.47 2.34 -4.03
C ALA A 16 -12.20 0.93 -3.34
N GLY A 17 -10.96 0.66 -2.93
CA GLY A 17 -10.59 -0.48 -2.05
C GLY A 17 -10.95 -0.31 -0.55
N CYS A 18 -9.93 -0.42 0.32
CA CYS A 18 -10.02 0.01 1.74
C CYS A 18 -11.14 -0.57 2.63
N CYS B 2 11.26 2.20 -0.36
CA CYS B 2 10.52 1.66 -1.55
C CYS B 2 10.86 0.19 -2.00
N GLY B 3 11.90 -0.51 -1.48
CA GLY B 3 12.17 -1.94 -1.82
C GLY B 3 11.72 -2.97 -0.76
N ALA B 4 12.50 -3.22 0.30
CA ALA B 4 12.08 -4.15 1.39
C ALA B 4 11.03 -3.61 2.42
N GLU B 5 11.09 -2.32 2.82
CA GLU B 5 10.01 -1.65 3.61
C GLU B 5 8.62 -1.66 2.88
N ALA B 6 8.60 -1.37 1.57
CA ALA B 6 7.43 -1.65 0.71
C ALA B 6 7.06 -3.16 0.70
N ALA B 7 8.00 -4.10 0.44
CA ALA B 7 7.67 -5.52 0.35
C ALA B 7 6.96 -6.13 1.65
N LYS B 8 7.59 -5.89 2.82
CA LYS B 8 7.04 -6.12 4.19
C LYS B 8 5.63 -5.49 4.44
N ALA B 9 5.44 -4.18 4.16
CA ALA B 9 4.09 -3.56 4.12
C ALA B 9 3.04 -4.19 3.14
N HIS B 10 3.51 -4.64 1.96
CA HIS B 10 2.67 -5.27 0.90
C HIS B 10 2.18 -6.69 1.35
N ALA B 11 3.09 -7.54 1.89
CA ALA B 11 2.72 -8.74 2.67
C ALA B 11 1.74 -8.49 3.87
N LYS B 12 1.95 -7.46 4.73
CA LYS B 12 0.93 -7.06 5.76
C LYS B 12 -0.50 -6.77 5.14
N ALA B 13 -0.57 -5.74 4.27
CA ALA B 13 -1.76 -5.47 3.40
C ALA B 13 -2.64 -6.73 3.06
N ALA B 14 -1.99 -7.56 2.26
CA ALA B 14 -2.41 -8.95 1.93
C ALA B 14 -2.66 -10.00 3.09
N GLU B 15 -1.90 -9.91 4.18
CA GLU B 15 -2.10 -10.67 5.47
C GLU B 15 -2.85 -9.62 6.40
N ALA B 16 -4.12 -9.41 6.05
CA ALA B 16 -5.03 -8.26 6.40
C ALA B 16 -4.67 -7.07 7.36
N GLY B 17 -3.69 -6.45 6.74
CA GLY B 17 -3.18 -5.09 6.96
C GLY B 17 -3.65 -4.01 5.93
N CYS B 18 -4.58 -4.45 5.06
CA CYS B 18 -4.94 -3.88 3.73
C CYS B 18 -4.29 -2.53 3.25
N CYS A 2 8.77 8.28 -5.05
CA CYS A 2 8.09 7.02 -4.55
C CYS A 2 7.08 7.16 -3.34
N GLY A 3 6.95 8.34 -2.67
CA GLY A 3 5.84 8.58 -1.70
C GLY A 3 4.53 9.17 -2.29
N ALA A 4 4.56 10.06 -3.30
CA ALA A 4 3.35 10.68 -3.91
C ALA A 4 2.60 9.83 -4.98
N GLU A 5 3.28 9.15 -5.93
CA GLU A 5 2.63 8.12 -6.78
C GLU A 5 2.04 6.91 -5.94
N ALA A 6 2.83 6.43 -4.94
CA ALA A 6 2.33 5.52 -3.88
C ALA A 6 1.10 6.10 -3.09
N ALA A 7 1.10 7.37 -2.62
CA ALA A 7 -0.11 8.04 -2.07
C ALA A 7 -1.34 8.12 -3.04
N LYS A 8 -1.17 8.41 -4.35
CA LYS A 8 -2.26 8.29 -5.38
C LYS A 8 -2.89 6.84 -5.45
N ALA A 9 -2.05 5.79 -5.49
CA ALA A 9 -2.49 4.39 -5.28
C ALA A 9 -3.12 4.09 -3.86
N HIS A 10 -2.56 4.65 -2.76
CA HIS A 10 -3.19 4.62 -1.40
C HIS A 10 -4.62 5.26 -1.35
N ALA A 11 -4.87 6.50 -1.78
CA ALA A 11 -6.23 7.03 -2.05
C ALA A 11 -7.14 6.13 -2.96
N LYS A 12 -6.63 5.72 -4.15
CA LYS A 12 -7.41 4.84 -5.07
C LYS A 12 -7.80 3.42 -4.51
N ALA A 13 -6.86 2.79 -3.80
CA ALA A 13 -7.13 1.60 -2.96
C ALA A 13 -8.11 1.96 -1.79
N ALA A 14 -7.79 2.75 -0.76
CA ALA A 14 -8.77 3.32 0.24
C ALA A 14 -10.26 3.65 -0.20
N GLU A 15 -10.42 4.05 -1.47
CA GLU A 15 -11.72 4.12 -2.19
C GLU A 15 -12.25 2.68 -2.62
N ALA A 16 -11.63 1.98 -3.59
CA ALA A 16 -12.02 0.59 -4.02
C ALA A 16 -11.28 -0.62 -3.32
N GLY A 17 -9.93 -0.59 -3.25
CA GLY A 17 -9.11 -1.50 -2.40
C GLY A 17 -9.11 -1.14 -0.89
N CYS A 18 -7.93 -0.96 -0.28
CA CYS A 18 -7.83 -0.32 1.06
C CYS A 18 -6.40 0.22 1.36
N CYS B 2 13.06 1.46 -2.80
CA CYS B 2 11.72 1.83 -2.23
C CYS B 2 10.60 0.71 -2.20
N GLY B 3 10.71 -0.40 -2.97
CA GLY B 3 9.71 -1.50 -2.91
C GLY B 3 9.87 -2.61 -1.83
N ALA B 4 10.92 -2.64 -0.99
CA ALA B 4 11.11 -3.69 0.06
C ALA B 4 10.46 -3.39 1.45
N GLU B 5 10.65 -2.22 2.09
CA GLU B 5 9.79 -1.80 3.26
C GLU B 5 8.27 -1.68 2.89
N ALA B 6 7.97 -1.21 1.65
CA ALA B 6 6.63 -1.37 1.02
C ALA B 6 6.23 -2.88 0.97
N ALA B 7 7.02 -3.80 0.40
CA ALA B 7 6.63 -5.21 0.25
C ALA B 7 6.24 -5.93 1.61
N LYS B 8 7.10 -5.76 2.64
CA LYS B 8 6.86 -6.12 4.07
C LYS B 8 5.55 -5.49 4.68
N ALA B 9 5.32 -4.16 4.54
CA ALA B 9 3.98 -3.56 4.83
C ALA B 9 2.77 -4.13 4.01
N HIS B 10 3.01 -4.48 2.73
CA HIS B 10 2.00 -5.01 1.78
C HIS B 10 1.53 -6.42 2.24
N ALA B 11 2.46 -7.38 2.45
CA ALA B 11 2.22 -8.66 3.18
C ALA B 11 1.57 -8.51 4.60
N LYS B 12 2.12 -7.63 5.47
CA LYS B 12 1.53 -7.34 6.82
C LYS B 12 0.02 -6.87 6.81
N ALA B 13 -0.27 -5.92 5.91
CA ALA B 13 -1.65 -5.52 5.56
C ALA B 13 -2.46 -6.70 4.94
N ALA B 14 -2.28 -7.10 3.68
CA ALA B 14 -2.85 -8.36 3.09
C ALA B 14 -3.21 -9.61 3.98
N GLU B 15 -2.40 -9.87 5.02
CA GLU B 15 -2.71 -10.81 6.13
C GLU B 15 -3.71 -10.19 7.20
N ALA B 16 -3.35 -9.11 7.95
CA ALA B 16 -4.28 -8.39 8.89
C ALA B 16 -5.09 -7.16 8.31
N GLY B 17 -4.40 -6.13 7.76
CA GLY B 17 -5.02 -5.05 6.92
C GLY B 17 -5.53 -5.50 5.53
N CYS B 18 -5.09 -4.83 4.45
CA CYS B 18 -5.30 -5.33 3.08
C CYS B 18 -4.36 -4.66 2.01
N CYS A 2 7.66 6.37 -5.92
CA CYS A 2 7.52 5.92 -4.49
C CYS A 2 6.79 6.90 -3.49
N GLY A 3 6.69 8.23 -3.73
CA GLY A 3 5.98 9.15 -2.81
C GLY A 3 4.55 9.55 -3.24
N ALA A 4 4.39 10.39 -4.29
CA ALA A 4 3.05 10.86 -4.73
C ALA A 4 2.24 9.91 -5.66
N GLU A 5 2.85 9.22 -6.63
CA GLU A 5 2.18 8.11 -7.37
C GLU A 5 1.70 6.92 -6.43
N ALA A 6 2.58 6.52 -5.50
CA ALA A 6 2.21 5.62 -4.35
C ALA A 6 1.08 6.19 -3.46
N ALA A 7 1.12 7.46 -3.00
CA ALA A 7 -0.03 8.12 -2.35
C ALA A 7 -1.36 8.16 -3.17
N LYS A 8 -1.33 8.42 -4.51
CA LYS A 8 -2.52 8.24 -5.40
C LYS A 8 -3.14 6.80 -5.36
N ALA A 9 -2.32 5.74 -5.45
CA ALA A 9 -2.73 4.36 -5.15
C ALA A 9 -3.25 4.09 -3.68
N HIS A 10 -2.52 4.59 -2.65
CA HIS A 10 -2.98 4.59 -1.24
C HIS A 10 -4.37 5.27 -0.99
N ALA A 11 -4.61 6.53 -1.43
CA ALA A 11 -5.96 7.12 -1.53
C ALA A 11 -7.00 6.29 -2.34
N LYS A 12 -6.69 5.83 -3.57
CA LYS A 12 -7.62 4.96 -4.36
C LYS A 12 -8.19 3.71 -3.59
N ALA A 13 -7.29 2.98 -2.91
CA ALA A 13 -7.65 1.95 -1.93
C ALA A 13 -8.52 2.50 -0.73
N ALA A 14 -7.97 3.25 0.24
CA ALA A 14 -8.74 4.03 1.26
C ALA A 14 -10.03 4.85 0.86
N GLU A 15 -10.23 5.05 -0.45
CA GLU A 15 -11.49 5.63 -1.03
C GLU A 15 -12.56 4.50 -1.19
N ALA A 16 -12.27 3.48 -2.01
CA ALA A 16 -13.10 2.23 -2.02
C ALA A 16 -12.50 1.18 -1.01
N GLY A 17 -12.34 1.59 0.26
CA GLY A 17 -11.49 0.93 1.33
C GLY A 17 -10.88 -0.47 1.08
N CYS A 18 -9.87 -0.22 0.26
CA CYS A 18 -9.06 -1.13 -0.56
C CYS A 18 -9.90 -1.90 -1.61
N CYS B 2 11.60 2.83 0.54
CA CYS B 2 12.47 2.75 -0.69
C CYS B 2 12.43 1.41 -1.53
N GLY B 3 11.48 0.48 -1.31
CA GLY B 3 11.41 -0.82 -2.04
C GLY B 3 11.17 -2.06 -1.14
N ALA B 4 12.09 -2.35 -0.21
CA ALA B 4 11.94 -3.48 0.74
C ALA B 4 11.01 -3.24 1.96
N GLU B 5 11.07 -2.09 2.67
CA GLU B 5 10.00 -1.73 3.66
C GLU B 5 8.58 -1.52 3.03
N ALA B 6 8.49 -1.07 1.76
CA ALA B 6 7.25 -1.20 0.95
C ALA B 6 6.85 -2.70 0.77
N ALA B 7 7.76 -3.58 0.30
CA ALA B 7 7.45 -5.00 0.10
C ALA B 7 6.90 -5.76 1.38
N LYS B 8 7.62 -5.59 2.51
CA LYS B 8 7.22 -5.94 3.91
C LYS B 8 5.82 -5.37 4.34
N ALA B 9 5.54 -4.06 4.18
CA ALA B 9 4.17 -3.51 4.29
C ALA B 9 3.08 -4.15 3.37
N HIS B 10 3.45 -4.52 2.13
CA HIS B 10 2.54 -5.16 1.14
C HIS B 10 2.12 -6.60 1.60
N ALA B 11 3.08 -7.44 2.04
CA ALA B 11 2.82 -8.69 2.79
C ALA B 11 1.97 -8.52 4.12
N LYS B 12 2.39 -7.60 5.02
CA LYS B 12 1.59 -7.23 6.25
C LYS B 12 0.12 -6.78 6.00
N ALA B 13 -0.06 -5.93 4.98
CA ALA B 13 -1.37 -5.58 4.42
C ALA B 13 -2.09 -6.85 3.82
N ALA B 14 -1.65 -7.51 2.75
CA ALA B 14 -2.16 -8.86 2.31
C ALA B 14 -2.57 -9.95 3.39
N GLU B 15 -1.92 -9.86 4.56
CA GLU B 15 -2.32 -10.53 5.84
C GLU B 15 -3.58 -9.83 6.49
N ALA B 16 -3.48 -8.61 7.08
CA ALA B 16 -4.64 -7.85 7.64
C ALA B 16 -5.33 -6.75 6.73
N GLY B 17 -4.54 -5.88 6.08
CA GLY B 17 -4.99 -4.97 4.99
C GLY B 17 -5.23 -5.62 3.60
N CYS B 18 -4.48 -5.14 2.58
CA CYS B 18 -4.36 -5.81 1.26
C CYS B 18 -3.04 -5.41 0.50
N CYS A 2 8.84 9.25 -0.25
CA CYS A 2 9.51 8.55 -1.41
C CYS A 2 8.62 8.21 -2.67
N GLY A 3 7.30 8.51 -2.69
CA GLY A 3 6.39 8.02 -3.75
C GLY A 3 5.01 8.70 -3.71
N ALA A 4 4.85 9.87 -4.35
CA ALA A 4 3.51 10.49 -4.56
C ALA A 4 2.56 9.77 -5.58
N GLU A 5 3.10 9.13 -6.62
CA GLU A 5 2.34 8.17 -7.50
C GLU A 5 1.83 6.91 -6.71
N ALA A 6 2.72 6.31 -5.89
CA ALA A 6 2.33 5.30 -4.86
C ALA A 6 1.26 5.86 -3.86
N ALA A 7 1.41 7.06 -3.27
CA ALA A 7 0.32 7.73 -2.50
C ALA A 7 -1.03 7.97 -3.24
N LYS A 8 -1.04 8.37 -4.55
CA LYS A 8 -2.29 8.38 -5.38
C LYS A 8 -2.99 6.97 -5.48
N ALA A 9 -2.22 5.89 -5.74
CA ALA A 9 -2.70 4.50 -5.58
C ALA A 9 -3.14 4.10 -4.13
N HIS A 10 -2.41 4.52 -3.07
CA HIS A 10 -2.85 4.39 -1.64
C HIS A 10 -4.24 5.05 -1.36
N ALA A 11 -4.46 6.38 -1.59
CA ALA A 11 -5.83 6.96 -1.63
C ALA A 11 -6.91 6.19 -2.46
N LYS A 12 -6.61 5.86 -3.74
CA LYS A 12 -7.55 5.07 -4.59
C LYS A 12 -7.92 3.64 -4.05
N ALA A 13 -6.91 2.89 -3.58
CA ALA A 13 -7.09 1.64 -2.78
C ALA A 13 -7.87 1.94 -1.46
N ALA A 14 -7.32 2.50 -0.38
CA ALA A 14 -8.07 3.05 0.81
C ALA A 14 -9.60 3.47 0.67
N GLU A 15 -9.93 4.08 -0.47
CA GLU A 15 -11.33 4.29 -0.96
C GLU A 15 -11.91 2.94 -1.57
N ALA A 16 -11.68 2.63 -2.88
CA ALA A 16 -12.25 1.46 -3.68
C ALA A 16 -11.75 0.05 -3.16
N GLY A 17 -10.45 0.00 -2.98
CA GLY A 17 -9.70 -1.10 -2.30
C GLY A 17 -9.66 -1.00 -0.75
N CYS A 18 -8.45 -1.11 -0.20
CA CYS A 18 -8.17 -0.80 1.21
C CYS A 18 -6.63 -0.73 1.37
N CYS B 2 13.02 2.00 -1.46
CA CYS B 2 11.56 2.01 -1.12
C CYS B 2 10.73 0.72 -1.55
N GLY B 3 11.23 -0.20 -2.42
CA GLY B 3 10.49 -1.44 -2.79
C GLY B 3 10.46 -2.62 -1.79
N ALA B 4 11.52 -2.85 -0.99
CA ALA B 4 11.48 -3.81 0.15
C ALA B 4 10.69 -3.34 1.41
N GLU B 5 10.77 -2.04 1.81
CA GLU B 5 9.85 -1.45 2.83
C GLU B 5 8.36 -1.46 2.38
N ALA B 6 8.09 -1.16 1.10
CA ALA B 6 6.78 -1.46 0.45
C ALA B 6 6.44 -2.97 0.55
N ALA B 7 7.31 -3.91 0.14
CA ALA B 7 6.98 -5.34 0.11
C ALA B 7 6.51 -5.94 1.50
N LYS B 8 7.28 -5.63 2.56
CA LYS B 8 6.93 -5.86 4.00
C LYS B 8 5.58 -5.20 4.46
N ALA B 9 5.35 -3.90 4.18
CA ALA B 9 3.99 -3.29 4.32
C ALA B 9 2.84 -3.96 3.49
N HIS B 10 3.16 -4.45 2.27
CA HIS B 10 2.20 -5.09 1.33
C HIS B 10 1.70 -6.46 1.90
N ALA B 11 2.63 -7.36 2.29
CA ALA B 11 2.34 -8.55 3.14
C ALA B 11 1.59 -8.25 4.48
N LYS B 12 2.08 -7.27 5.29
CA LYS B 12 1.38 -6.90 6.56
C LYS B 12 -0.08 -6.34 6.41
N ALA B 13 -0.30 -5.53 5.37
CA ALA B 13 -1.65 -5.16 4.90
C ALA B 13 -2.46 -6.41 4.44
N ALA B 14 -2.15 -7.10 3.34
CA ALA B 14 -2.71 -8.45 2.97
C ALA B 14 -3.11 -9.49 4.12
N GLU B 15 -2.35 -9.45 5.22
CA GLU B 15 -2.71 -10.10 6.53
C GLU B 15 -3.82 -9.30 7.33
N ALA B 16 -3.52 -8.12 7.93
CA ALA B 16 -4.50 -7.28 8.68
C ALA B 16 -5.27 -6.16 7.86
N GLY B 17 -4.56 -5.37 7.03
CA GLY B 17 -5.16 -4.48 5.98
C GLY B 17 -5.70 -5.25 4.75
N CYS B 18 -5.26 -4.87 3.55
CA CYS B 18 -5.44 -5.70 2.33
C CYS B 18 -4.43 -5.37 1.17
#